data_8J26
#
_entry.id   8J26
#
_cell.length_a   1.00
_cell.length_b   1.00
_cell.length_c   1.00
_cell.angle_alpha   90.00
_cell.angle_beta   90.00
_cell.angle_gamma   90.00
#
_symmetry.space_group_name_H-M   'P 1'
#
loop_
_entity.id
_entity.type
_entity.pdbx_description
1 polymer AM032-4
2 polymer 'Fab light chain (REGN10987)'
3 polymer 'Fab heavy chain (REGN10987)'
4 polymer 'Spike protein S1'
5 polymer AM047-6
6 non-polymer 2-acetamido-2-deoxy-beta-D-glucopyranose
#
loop_
_entity_poly.entity_id
_entity_poly.type
_entity_poly.pdbx_seq_one_letter_code
_entity_poly.pdbx_strand_id
1 'polydeoxyribonucleotide'
;(DG)(DC)(DG)(DG)(DT)(DG)(DA)(DA)(DC)(DC)(85Y)(85Y)(DA)(DC)(DG)(85Y)(85Y)(DC)(DA)
(DA)(DC)(85Y)(DG)(DG)(DA)(85Y)(DC)(DG)(85Y)(DG)(85Y)(DG)(85Y)(DA)(DG)(DG)(85Y)
(DG)(DC)(DA)(DC)(DC)(DG)(DC)
;
E
2 'polypeptide(L)'
;QSALTQPASVSGSPGQSITISCTGTSSDVGGYNYVSWYQQHPGKAPKLMIYDVSKRPSGVSNRFSGSKSGNTASLTISGL
QSEDEADYYCNSLTSISTWVFGGGTKLTVLGQPKAAPSVTLFPPSSEELQANKATLVCLISDFYPGAVTVAWKADSSPVK
AGVETTTPSKQSNNKYAASSYLSLTPEQWKSHRSYSCQVTHEGSTVEKTVAPTECSHHHHHHHH
;
A
3 'polypeptide(L)'
;QVQLVESGGGVVQPGRSLRLSCAASGFTFSNYAMYWVRQAPGKGLEWVAVISYDGSNKYYADSVKGRFTISRDNSKNTLY
LQMNSLRTEDTAVYYCASGSDYGDYLLVYWGQGTLVTVSSASTKGPSVFPLAPSSKSTSGGTAALGCLVKDYFPEPVTVS
WNSGALTSGVHTFPAVLQSSGLYSLSSVVTVPSSSLGTQTYICNVNHKPSNTKVDKKVEPKSCDKSNSLVPRGSPSRLEE
ELRRRLTE
;
B
4 'polypeptide(L)'
;RVQPTESIVRFPNITNLCPFGEVFNATRFASVYAWNRKRISNCVADYSVLYNSASFSTFKCYGVSPTKLNDLCFTNVYAD
SFVIRGDEVRQIAPGQTGKIADYNYKLPDDFTGCVIAWNSNNLDSKVGGNYNYLYRLFRKSNLKPFERDISTEIYQAGST
PCNGVEGFNCYFPLQSYGFQPTNGVGYQPYRVVVLSFELLHAPATVCGPKKSTNLVKNKCVNFENLYFQGAAAGGSHHHH
HHGGSDYKDDDDK
;
C
5 'polydeoxyribonucleotide'
;(DG)(DG)(DC)(DG)(DG)(DC)(DA)(DA)(DG)(DG)(DG)(DA)(DG)(DC)(85Y)(DA)(DG)(85Y)(DG)
(85Y)(DA)(85Y)(DG)(DC)(DC)(DC)(DC)(85Y)(DG)(DA)(DG)(85Y)(85Y)(DG)(DG)(DG)(DG)
(DA)(85Y)(DA)(85Y)(DC)(DG)(DC)(DC)(DG)(DC)(DC)
;
D
#
# COMPACT_ATOMS: atom_id res chain seq x y z
N ALA B 3 4.61 6.38 22.78
CA ALA B 3 5.11 7.18 21.67
C ALA B 3 6.56 6.86 21.38
N LEU B 4 7.19 7.65 20.52
CA LEU B 4 8.59 7.48 20.14
C LEU B 4 9.44 8.56 20.80
N THR B 5 10.74 8.31 20.82
CA THR B 5 11.71 9.22 21.43
C THR B 5 12.56 9.85 20.34
N GLN B 6 12.72 11.17 20.40
CA GLN B 6 13.53 11.92 19.46
C GLN B 6 14.30 13.00 20.20
N PRO B 7 15.44 13.43 19.66
CA PRO B 7 16.16 14.54 20.28
C PRO B 7 15.31 15.80 20.30
N ALA B 8 15.44 16.58 21.37
CA ALA B 8 14.66 17.80 21.49
C ALA B 8 15.01 18.79 20.38
N SER B 9 16.28 18.95 20.09
CA SER B 9 16.72 19.88 19.05
C SER B 9 18.08 19.44 18.53
N VAL B 10 18.29 19.65 17.23
CA VAL B 10 19.56 19.34 16.58
C VAL B 10 20.01 20.57 15.81
N SER B 11 21.27 20.94 15.97
CA SER B 11 21.84 22.12 15.33
C SER B 11 23.00 21.71 14.43
N GLY B 12 23.27 22.55 13.42
CA GLY B 12 24.37 22.29 12.51
C GLY B 12 24.58 23.39 11.50
N SER B 13 25.85 23.72 11.23
CA SER B 13 26.17 24.68 10.21
C SER B 13 25.91 24.10 8.83
N PRO B 14 25.68 24.95 7.83
CA PRO B 14 25.37 24.44 6.49
C PRO B 14 26.55 23.71 5.88
N GLY B 15 26.24 22.73 5.05
CA GLY B 15 27.25 22.06 4.25
C GLY B 15 27.57 20.65 4.67
N GLN B 16 27.69 20.41 5.98
CA GLN B 16 28.10 19.11 6.47
C GLN B 16 26.90 18.16 6.54
N SER B 17 27.08 17.01 7.16
CA SER B 17 26.05 16.00 7.29
C SER B 17 25.44 16.05 8.69
N ILE B 18 24.12 16.01 8.76
CA ILE B 18 23.39 16.05 10.02
C ILE B 18 22.55 14.79 10.14
N THR B 19 22.54 14.19 11.33
CA THR B 19 21.84 12.94 11.57
C THR B 19 20.80 13.14 12.67
N ILE B 20 19.60 12.65 12.42
CA ILE B 20 18.50 12.70 13.39
C ILE B 20 17.97 11.30 13.58
N SER B 21 17.93 10.83 14.83
CA SER B 21 17.59 9.44 15.11
C SER B 21 16.40 9.36 16.06
N CYS B 22 15.52 8.40 15.79
CA CYS B 22 14.38 8.12 16.66
C CYS B 22 14.30 6.62 16.92
N THR B 23 13.95 6.27 18.16
CA THR B 23 13.94 4.89 18.62
C THR B 23 12.59 4.57 19.24
N GLY B 24 12.19 3.30 19.12
CA GLY B 24 10.97 2.81 19.73
C GLY B 24 11.12 1.33 20.04
N THR B 25 10.06 0.75 20.60
CA THR B 25 10.11 -0.67 20.94
C THR B 25 10.13 -1.51 19.67
N SER B 26 10.20 -2.83 19.86
CA SER B 26 10.27 -3.73 18.71
C SER B 26 9.03 -3.63 17.84
N SER B 27 7.85 -3.49 18.46
CA SER B 27 6.61 -3.50 17.71
C SER B 27 6.53 -2.33 16.74
N ASP B 28 6.94 -1.13 17.18
CA ASP B 28 6.77 0.06 16.35
C ASP B 28 7.66 0.01 15.11
N VAL B 29 8.97 -0.05 15.31
CA VAL B 29 9.91 -0.06 14.19
C VAL B 29 10.87 -1.23 14.20
N GLY B 30 11.16 -1.84 15.35
CA GLY B 30 12.10 -2.94 15.38
C GLY B 30 11.62 -4.17 14.65
N GLY B 31 10.31 -4.35 14.53
CA GLY B 31 9.74 -5.49 13.83
C GLY B 31 9.13 -5.11 12.50
N TYR B 32 8.64 -3.89 12.41
CA TYR B 32 8.00 -3.38 11.19
C TYR B 32 8.89 -2.30 10.59
N ASN B 33 9.27 -2.48 9.33
CA ASN B 33 10.08 -1.50 8.61
C ASN B 33 9.18 -0.61 7.76
N TYR B 34 8.31 0.14 8.44
CA TYR B 34 7.37 1.03 7.77
C TYR B 34 7.54 2.48 8.20
N VAL B 35 8.69 2.83 8.76
CA VAL B 35 8.90 4.21 9.18
C VAL B 35 8.90 5.13 7.95
N SER B 36 8.55 6.39 8.18
CA SER B 36 8.52 7.38 7.12
C SER B 36 8.50 8.77 7.74
N TRP B 37 9.42 9.63 7.33
CA TRP B 37 9.62 10.89 8.03
C TRP B 37 8.99 12.05 7.26
N TYR B 38 8.48 13.01 8.02
CA TYR B 38 7.83 14.19 7.48
C TYR B 38 8.55 15.44 7.95
N GLN B 39 8.58 16.45 7.08
CA GLN B 39 9.12 17.76 7.39
C GLN B 39 7.97 18.75 7.41
N GLN B 40 7.81 19.45 8.54
CA GLN B 40 6.78 20.47 8.70
C GLN B 40 7.47 21.81 8.93
N HIS B 41 7.28 22.72 7.98
CA HIS B 41 7.75 24.09 8.14
C HIS B 41 6.81 24.85 9.06
N PRO B 42 7.27 25.96 9.64
CA PRO B 42 6.39 26.73 10.53
C PRO B 42 5.12 27.16 9.81
N GLY B 43 3.98 26.91 10.45
CA GLY B 43 2.70 27.29 9.90
C GLY B 43 2.43 26.71 8.53
N LYS B 44 2.69 25.42 8.35
CA LYS B 44 2.51 24.77 7.05
C LYS B 44 2.09 23.33 7.27
N ALA B 45 1.45 22.77 6.25
CA ALA B 45 0.99 21.39 6.33
C ALA B 45 2.18 20.44 6.18
N PRO B 46 2.37 19.51 7.12
CA PRO B 46 3.49 18.56 6.97
C PRO B 46 3.37 17.78 5.68
N LYS B 47 4.53 17.51 5.06
CA LYS B 47 4.58 16.79 3.79
C LYS B 47 5.66 15.74 3.85
N LEU B 48 5.38 14.58 3.26
CA LEU B 48 6.28 13.43 3.36
C LEU B 48 7.65 13.76 2.78
N MET B 49 8.69 13.27 3.46
CA MET B 49 10.07 13.42 3.02
C MET B 49 10.73 12.09 2.67
N ILE B 50 10.69 11.13 3.59
CA ILE B 50 11.29 9.81 3.38
C ILE B 50 10.16 8.79 3.36
N TYR B 51 9.89 8.24 2.18
CA TYR B 51 8.88 7.22 2.02
C TYR B 51 9.45 5.87 2.40
N ASP B 52 8.72 5.10 3.20
CA ASP B 52 9.18 3.79 3.63
C ASP B 52 10.46 3.92 4.45
N VAL B 53 11.07 2.79 4.80
CA VAL B 53 12.24 2.81 5.68
C VAL B 53 13.39 3.59 5.03
N SER B 54 13.63 3.37 3.74
CA SER B 54 14.70 4.06 3.03
C SER B 54 14.26 4.21 1.57
N LYS B 55 13.63 5.34 1.28
CA LYS B 55 13.15 5.67 -0.06
C LYS B 55 12.70 7.12 0.00
N ARG B 56 12.34 7.66 -1.17
CA ARG B 56 11.95 9.06 -1.23
C ARG B 56 10.91 9.26 -2.32
N PRO B 57 9.81 9.98 -2.02
CA PRO B 57 8.82 10.24 -3.06
C PRO B 57 9.39 11.17 -4.13
N SER B 58 8.86 11.01 -5.35
CA SER B 58 9.32 11.84 -6.46
C SER B 58 9.13 13.31 -6.16
N GLY B 59 10.15 14.11 -6.45
CA GLY B 59 10.08 15.55 -6.30
C GLY B 59 10.79 16.10 -5.08
N VAL B 60 11.17 15.27 -4.13
CA VAL B 60 11.85 15.73 -2.93
C VAL B 60 13.35 15.81 -3.20
N SER B 61 14.05 16.54 -2.32
CA SER B 61 15.48 16.73 -2.49
C SER B 61 16.22 15.39 -2.37
N ASN B 62 17.26 15.24 -3.19
CA ASN B 62 18.05 14.01 -3.17
C ASN B 62 18.95 13.92 -1.94
N ARG B 63 19.23 15.04 -1.28
CA ARG B 63 20.15 15.02 -0.15
C ARG B 63 19.64 14.14 0.99
N PHE B 64 18.36 14.26 1.33
CA PHE B 64 17.80 13.48 2.43
C PHE B 64 17.94 12.00 2.14
N SER B 65 18.32 11.23 3.17
CA SER B 65 18.43 9.79 3.03
C SER B 65 18.09 9.13 4.35
N GLY B 66 17.13 8.21 4.32
CA GLY B 66 16.76 7.48 5.51
C GLY B 66 17.49 6.16 5.64
N SER B 67 17.64 5.70 6.87
CA SER B 67 18.31 4.44 7.14
C SER B 67 17.75 3.85 8.44
N LYS B 68 17.94 2.55 8.61
CA LYS B 68 17.49 1.84 9.80
C LYS B 68 18.64 1.02 10.37
N SER B 69 18.86 1.14 11.66
CA SER B 69 19.88 0.37 12.37
C SER B 69 19.16 -0.40 13.48
N GLY B 70 18.84 -1.67 13.22
CA GLY B 70 18.17 -2.48 14.20
C GLY B 70 16.86 -1.87 14.66
N ASN B 71 16.83 -1.38 15.89
CA ASN B 71 15.63 -0.82 16.49
C ASN B 71 15.48 0.68 16.26
N THR B 72 16.49 1.34 15.71
CA THR B 72 16.48 2.79 15.54
C THR B 72 16.35 3.14 14.06
N ALA B 73 15.79 4.32 13.80
CA ALA B 73 15.67 4.84 12.44
C ALA B 73 16.23 6.25 12.39
N SER B 74 17.02 6.54 11.36
CA SER B 74 17.73 7.80 11.29
C SER B 74 17.55 8.44 9.92
N LEU B 75 17.62 9.77 9.91
CA LEU B 75 17.67 10.59 8.72
C LEU B 75 19.05 11.23 8.62
N THR B 76 19.59 11.25 7.41
CA THR B 76 20.88 11.88 7.12
C THR B 76 20.64 12.98 6.09
N ILE B 77 21.10 14.19 6.40
CA ILE B 77 20.95 15.35 5.54
C ILE B 77 22.34 15.79 5.13
N SER B 78 22.59 15.84 3.83
CA SER B 78 23.88 16.22 3.28
C SER B 78 23.78 17.63 2.70
N GLY B 79 24.70 18.50 3.11
CA GLY B 79 24.69 19.87 2.60
C GLY B 79 23.41 20.61 2.90
N LEU B 80 22.90 20.48 4.12
CA LEU B 80 21.66 21.17 4.48
C LEU B 80 21.85 22.68 4.36
N GLN B 81 20.80 23.34 3.87
CA GLN B 81 20.80 24.79 3.70
C GLN B 81 19.94 25.44 4.78
N SER B 82 19.96 26.77 4.80
CA SER B 82 19.17 27.51 5.77
C SER B 82 17.68 27.22 5.60
N GLU B 83 17.23 27.03 4.36
CA GLU B 83 15.81 26.81 4.11
C GLU B 83 15.33 25.45 4.60
N ASP B 84 16.23 24.56 5.00
CA ASP B 84 15.85 23.28 5.59
C ASP B 84 15.53 23.38 7.07
N GLU B 85 15.41 24.58 7.61
CA GLU B 85 15.08 24.77 9.02
C GLU B 85 13.59 24.53 9.20
N ALA B 86 13.24 23.41 9.85
CA ALA B 86 11.85 23.04 10.05
C ALA B 86 11.81 21.86 11.01
N ASP B 87 10.61 21.51 11.44
CA ASP B 87 10.44 20.36 12.31
C ASP B 87 10.45 19.08 11.50
N TYR B 88 10.95 18.01 12.11
CA TYR B 88 11.02 16.70 11.47
C TYR B 88 10.44 15.66 12.41
N TYR B 89 9.49 14.87 11.90
CA TYR B 89 8.84 13.82 12.66
C TYR B 89 9.09 12.47 11.99
N CYS B 90 9.33 11.45 12.79
CA CYS B 90 9.48 10.08 12.29
C CYS B 90 8.22 9.31 12.65
N ASN B 91 7.54 8.78 11.65
CA ASN B 91 6.32 8.01 11.84
C ASN B 91 6.63 6.53 11.87
N SER B 92 5.62 5.74 12.22
CA SER B 92 5.79 4.29 12.28
C SER B 92 4.46 3.59 12.45
N LEU B 93 4.24 2.54 11.67
CA LEU B 93 3.04 1.72 11.79
C LEU B 93 3.33 0.57 12.76
N THR B 94 2.59 0.55 13.87
CA THR B 94 2.74 -0.50 14.86
C THR B 94 1.66 -1.55 14.65
N SER B 95 1.66 -2.57 15.51
CA SER B 95 0.62 -3.57 15.48
C SER B 95 -0.73 -2.91 15.76
N ILE B 96 -1.81 -3.66 15.49
CA ILE B 96 -3.18 -3.21 15.64
C ILE B 96 -3.30 -1.73 15.32
N SER B 97 -2.86 -1.33 14.13
CA SER B 97 -2.90 0.06 13.67
C SER B 97 -2.09 0.89 14.66
N THR B 98 -2.67 1.91 15.30
CA THR B 98 -1.96 2.71 16.30
C THR B 98 -0.72 3.39 15.68
N TRP B 99 -1.00 4.33 14.79
CA TRP B 99 0.06 5.06 14.12
C TRP B 99 0.77 6.01 15.08
N VAL B 100 1.89 5.55 15.67
CA VAL B 100 2.65 6.42 16.55
C VAL B 100 3.39 7.48 15.74
N PHE B 101 3.80 8.54 16.43
CA PHE B 101 4.50 9.64 15.79
C PHE B 101 5.77 9.97 16.57
N GLY B 102 6.72 10.59 15.86
CA GLY B 102 8.05 10.76 16.42
C GLY B 102 8.07 11.66 17.65
N GLY B 103 7.39 12.79 17.59
CA GLY B 103 7.50 13.79 18.63
C GLY B 103 7.91 15.14 18.07
N GLY B 104 9.12 15.59 18.38
CA GLY B 104 9.60 16.86 17.89
C GLY B 104 11.10 16.92 17.67
N THR B 105 11.53 17.51 16.57
CA THR B 105 12.96 17.67 16.28
C THR B 105 13.12 18.88 15.38
N LYS B 106 13.81 19.90 15.89
CA LYS B 106 13.99 21.16 15.17
C LYS B 106 15.44 21.26 14.68
N LEU B 107 15.60 21.69 13.43
CA LEU B 107 16.92 21.87 12.82
C LEU B 107 17.18 23.37 12.65
N THR B 108 18.36 23.80 13.07
CA THR B 108 18.76 25.20 13.00
C THR B 108 20.10 25.33 12.30
N VAL B 109 20.33 26.49 11.72
CA VAL B 109 21.57 26.81 11.02
C VAL B 109 22.25 27.96 11.76
N LEU B 110 23.57 27.84 11.93
CA LEU B 110 24.35 28.82 12.69
C LEU B 110 24.49 30.09 11.86
N GLY B 111 23.42 30.88 11.84
CA GLY B 111 23.41 32.13 11.10
C GLY B 111 23.77 33.32 11.96
N GLN C 1 -2.19 18.36 -9.64
CA GLN C 1 -2.19 18.55 -8.15
C GLN C 1 -3.45 17.94 -7.55
N VAL C 2 -3.45 17.79 -6.22
CA VAL C 2 -4.57 17.23 -5.48
C VAL C 2 -4.92 18.19 -4.35
N GLN C 3 -6.20 18.53 -4.25
CA GLN C 3 -6.68 19.48 -3.27
C GLN C 3 -7.49 18.76 -2.19
N LEU C 4 -7.39 19.28 -0.97
CA LEU C 4 -8.19 18.78 0.15
C LEU C 4 -8.52 19.96 1.04
N VAL C 5 -9.82 20.25 1.20
CA VAL C 5 -10.28 21.44 1.90
C VAL C 5 -11.12 21.01 3.09
N GLU C 6 -10.81 21.58 4.26
CA GLU C 6 -11.53 21.27 5.49
C GLU C 6 -12.59 22.34 5.75
N SER C 7 -13.78 21.89 6.13
CA SER C 7 -14.86 22.83 6.43
C SER C 7 -14.48 23.74 7.59
N GLY C 8 -13.92 23.17 8.65
CA GLY C 8 -13.52 23.95 9.80
C GLY C 8 -14.61 24.12 10.83
N GLY C 9 -14.26 24.84 11.89
CA GLY C 9 -15.19 25.10 12.97
C GLY C 9 -14.65 26.11 13.95
N GLY C 10 -15.49 27.05 14.37
CA GLY C 10 -15.07 28.08 15.29
C GLY C 10 -15.02 27.57 16.72
N VAL C 11 -14.68 28.48 17.63
CA VAL C 11 -14.61 28.12 19.04
C VAL C 11 -15.96 27.59 19.49
N VAL C 12 -15.94 26.47 20.21
CA VAL C 12 -17.16 25.84 20.71
C VAL C 12 -16.98 25.54 22.19
N GLN C 13 -18.11 25.45 22.88
CA GLN C 13 -18.08 25.16 24.30
C GLN C 13 -17.63 23.72 24.54
N PRO C 14 -17.00 23.44 25.68
CA PRO C 14 -16.63 22.05 25.97
C PRO C 14 -17.85 21.16 26.02
N GLY C 15 -17.67 19.91 25.58
CA GLY C 15 -18.76 18.96 25.58
C GLY C 15 -19.89 19.31 24.65
N ARG C 16 -19.58 19.72 23.42
CA ARG C 16 -20.59 20.05 22.43
C ARG C 16 -20.21 19.42 21.10
N SER C 17 -21.22 19.10 20.30
CA SER C 17 -20.99 18.38 19.05
C SER C 17 -20.34 19.29 18.01
N LEU C 18 -19.71 18.68 17.01
CA LEU C 18 -19.08 19.42 15.93
C LEU C 18 -18.76 18.50 14.76
N ARG C 19 -19.15 18.90 13.55
CA ARG C 19 -18.93 18.10 12.35
C ARG C 19 -17.90 18.78 11.47
N LEU C 20 -16.82 18.06 11.16
CA LEU C 20 -15.78 18.55 10.26
C LEU C 20 -15.82 17.74 8.97
N SER C 21 -15.72 18.42 7.84
CA SER C 21 -15.79 17.77 6.55
C SER C 21 -14.56 18.12 5.71
N CYS C 22 -13.92 17.10 5.17
CA CYS C 22 -12.78 17.24 4.26
C CYS C 22 -13.24 16.82 2.87
N ALA C 23 -13.18 17.74 1.93
CA ALA C 23 -13.55 17.50 0.55
C ALA C 23 -12.27 17.38 -0.28
N ALA C 24 -12.17 16.29 -1.04
CA ALA C 24 -10.98 15.96 -1.80
C ALA C 24 -11.30 15.93 -3.29
N SER C 25 -10.28 16.24 -4.10
CA SER C 25 -10.43 16.22 -5.55
C SER C 25 -9.06 16.03 -6.16
N GLY C 26 -9.05 15.61 -7.42
CA GLY C 26 -7.82 15.39 -8.15
C GLY C 26 -7.26 13.99 -8.07
N PHE C 27 -7.89 13.09 -7.33
CA PHE C 27 -7.42 11.71 -7.26
C PHE C 27 -8.60 10.82 -6.86
N THR C 28 -8.39 9.51 -6.99
CA THR C 28 -9.44 8.53 -6.72
C THR C 28 -9.64 8.43 -5.21
N PHE C 29 -10.62 9.16 -4.70
CA PHE C 29 -10.88 9.18 -3.27
C PHE C 29 -11.33 7.80 -2.78
N SER C 30 -12.19 7.14 -3.55
CA SER C 30 -12.80 5.88 -3.16
C SER C 30 -11.86 4.69 -3.28
N ASN C 31 -10.56 4.93 -3.44
CA ASN C 31 -9.58 3.86 -3.57
C ASN C 31 -8.47 3.93 -2.52
N TYR C 32 -8.57 4.85 -1.56
CA TYR C 32 -7.53 5.01 -0.55
C TYR C 32 -8.17 5.36 0.78
N ALA C 33 -7.41 5.11 1.85
CA ALA C 33 -7.91 5.29 3.21
C ALA C 33 -7.48 6.66 3.73
N MET C 34 -8.46 7.49 4.08
CA MET C 34 -8.15 8.79 4.66
C MET C 34 -7.79 8.65 6.14
N TYR C 35 -7.08 9.65 6.64
CA TYR C 35 -6.70 9.74 8.04
C TYR C 35 -7.00 11.14 8.54
N TRP C 36 -7.34 11.25 9.82
CA TRP C 36 -7.45 12.52 10.51
C TRP C 36 -6.36 12.57 11.57
N VAL C 37 -5.52 13.60 11.50
CA VAL C 37 -4.38 13.75 12.40
C VAL C 37 -4.45 15.13 13.04
N ARG C 38 -4.33 15.17 14.37
CA ARG C 38 -4.41 16.43 15.10
C ARG C 38 -3.01 16.92 15.47
N GLN C 39 -2.92 18.23 15.68
CA GLN C 39 -1.70 18.85 16.18
C GLN C 39 -2.10 19.96 17.14
N ALA C 40 -1.73 19.80 18.41
CA ALA C 40 -1.99 20.85 19.37
C ALA C 40 -1.09 22.05 19.08
N PRO C 41 -1.51 23.26 19.46
CA PRO C 41 -0.68 24.43 19.15
C PRO C 41 0.69 24.37 19.82
N GLY C 42 1.74 24.29 18.99
CA GLY C 42 3.09 24.26 19.48
C GLY C 42 3.60 22.89 19.89
N LYS C 43 2.81 21.84 19.71
CA LYS C 43 3.19 20.48 20.08
C LYS C 43 3.36 19.64 18.82
N GLY C 44 3.78 18.39 19.02
CA GLY C 44 3.99 17.48 17.91
C GLY C 44 2.70 16.86 17.41
N LEU C 45 2.81 16.14 16.30
CA LEU C 45 1.65 15.50 15.71
C LEU C 45 1.20 14.32 16.56
N GLU C 46 -0.04 13.89 16.32
CA GLU C 46 -0.62 12.76 17.03
C GLU C 46 -1.76 12.20 16.19
N TRP C 47 -1.62 10.95 15.76
CA TRP C 47 -2.65 10.33 14.93
C TRP C 47 -3.95 10.24 15.72
N VAL C 48 -5.05 10.58 15.06
CA VAL C 48 -6.38 10.61 15.69
C VAL C 48 -7.25 9.46 15.18
N ALA C 49 -7.47 9.39 13.88
CA ALA C 49 -8.40 8.38 13.36
C ALA C 49 -8.02 8.00 11.95
N VAL C 50 -8.50 6.82 11.53
CA VAL C 50 -8.33 6.35 10.16
C VAL C 50 -9.55 5.53 9.78
N ILE C 51 -9.91 5.59 8.51
CA ILE C 51 -11.06 4.88 7.96
C ILE C 51 -10.61 4.13 6.71
N SER C 52 -11.09 2.89 6.57
CA SER C 52 -10.69 2.06 5.44
C SER C 52 -11.17 2.66 4.13
N TYR C 53 -10.82 2.04 3.00
CA TYR C 53 -11.15 2.60 1.70
C TYR C 53 -12.62 2.48 1.36
N ASP C 54 -13.41 1.75 2.14
CA ASP C 54 -14.84 1.64 1.91
C ASP C 54 -15.67 1.90 3.16
N GLY C 55 -15.03 2.29 4.27
CA GLY C 55 -15.74 2.57 5.50
C GLY C 55 -16.07 1.34 6.33
N SER C 56 -15.69 0.15 5.88
CA SER C 56 -15.99 -1.06 6.65
C SER C 56 -15.28 -1.04 8.00
N ASN C 57 -14.02 -0.63 8.02
CA ASN C 57 -13.19 -0.67 9.23
C ASN C 57 -12.74 0.75 9.57
N LYS C 58 -12.89 1.10 10.84
CA LYS C 58 -12.44 2.39 11.36
C LYS C 58 -11.60 2.15 12.60
N TYR C 59 -10.51 2.89 12.74
CA TYR C 59 -9.63 2.78 13.89
C TYR C 59 -9.43 4.16 14.50
N TYR C 60 -9.40 4.22 15.82
CA TYR C 60 -9.28 5.46 16.56
C TYR C 60 -8.11 5.36 17.53
N ALA C 61 -7.47 6.50 17.78
CA ALA C 61 -6.48 6.56 18.83
C ALA C 61 -7.15 6.39 20.19
N ASP C 62 -6.41 5.76 21.12
CA ASP C 62 -6.99 5.46 22.42
C ASP C 62 -7.51 6.72 23.11
N SER C 63 -6.87 7.86 22.87
CA SER C 63 -7.27 9.09 23.55
C SER C 63 -8.68 9.53 23.14
N VAL C 64 -9.11 9.18 21.93
CA VAL C 64 -10.40 9.61 21.42
C VAL C 64 -11.35 8.44 21.25
N LYS C 65 -11.03 7.27 21.81
CA LYS C 65 -11.90 6.12 21.68
C LYS C 65 -13.24 6.40 22.36
N GLY C 66 -14.32 6.03 21.68
CA GLY C 66 -15.66 6.14 22.24
C GLY C 66 -16.25 7.53 22.24
N ARG C 67 -15.58 8.51 21.64
CA ARG C 67 -16.08 9.87 21.58
C ARG C 67 -16.19 10.42 20.17
N PHE C 68 -15.27 10.06 19.29
CA PHE C 68 -15.28 10.53 17.91
C PHE C 68 -15.98 9.52 17.01
N THR C 69 -16.26 9.93 15.78
CA THR C 69 -16.83 9.02 14.79
C THR C 69 -16.41 9.49 13.40
N ILE C 70 -15.61 8.69 12.71
CA ILE C 70 -15.12 9.03 11.38
C ILE C 70 -15.90 8.23 10.36
N SER C 71 -16.44 8.92 9.35
CA SER C 71 -17.19 8.30 8.27
C SER C 71 -16.78 8.97 6.96
N ARG C 72 -17.31 8.46 5.86
CA ARG C 72 -17.02 9.04 4.56
C ARG C 72 -18.13 8.67 3.60
N ASP C 73 -18.28 9.49 2.57
CA ASP C 73 -19.27 9.25 1.52
C ASP C 73 -18.60 9.47 0.18
N ASN C 74 -18.54 8.42 -0.64
CA ASN C 74 -17.90 8.49 -1.94
C ASN C 74 -18.83 9.03 -3.02
N SER C 75 -20.13 9.15 -2.75
CA SER C 75 -21.05 9.70 -3.74
C SER C 75 -20.68 11.13 -4.10
N LYS C 76 -20.42 11.96 -3.09
CA LYS C 76 -19.99 13.34 -3.28
C LYS C 76 -18.51 13.53 -2.97
N ASN C 77 -17.79 12.44 -2.71
CA ASN C 77 -16.35 12.49 -2.46
C ASN C 77 -16.03 13.41 -1.29
N THR C 78 -16.49 13.01 -0.10
CA THR C 78 -16.24 13.77 1.11
C THR C 78 -15.97 12.82 2.27
N LEU C 79 -15.30 13.35 3.29
CA LEU C 79 -14.97 12.62 4.51
C LEU C 79 -15.44 13.44 5.70
N TYR C 80 -16.02 12.78 6.70
CA TYR C 80 -16.61 13.47 7.83
C TYR C 80 -16.02 12.95 9.13
N LEU C 81 -15.83 13.87 10.08
CA LEU C 81 -15.47 13.53 11.46
C LEU C 81 -16.47 14.20 12.39
N GLN C 82 -17.20 13.39 13.16
CA GLN C 82 -18.15 13.89 14.13
C GLN C 82 -17.52 13.83 15.51
N MET C 83 -17.52 14.96 16.20
CA MET C 83 -16.91 15.11 17.51
C MET C 83 -18.02 15.33 18.54
N ASN C 84 -18.02 14.51 19.58
CA ASN C 84 -19.00 14.59 20.66
C ASN C 84 -18.28 14.55 21.99
N SER C 85 -18.82 15.29 22.97
CA SER C 85 -18.22 15.36 24.30
C SER C 85 -16.79 15.89 24.23
N LEU C 86 -16.67 17.12 23.76
CA LEU C 86 -15.35 17.73 23.60
C LEU C 86 -14.71 18.01 24.95
N ARG C 87 -13.38 18.19 24.93
CA ARG C 87 -12.62 18.52 26.12
C ARG C 87 -11.69 19.69 25.81
N THR C 88 -11.36 20.44 26.86
CA THR C 88 -10.52 21.62 26.67
C THR C 88 -9.17 21.27 26.08
N GLU C 89 -8.61 20.13 26.47
CA GLU C 89 -7.32 19.71 25.97
C GLU C 89 -7.36 19.40 24.48
N ASP C 90 -8.55 19.24 23.90
CA ASP C 90 -8.69 18.74 22.55
C ASP C 90 -8.49 19.80 21.47
N THR C 91 -8.31 21.06 21.85
CA THR C 91 -8.07 22.11 20.85
C THR C 91 -6.84 21.77 20.02
N ALA C 92 -6.95 21.93 18.70
CA ALA C 92 -5.85 21.58 17.82
C ALA C 92 -6.21 21.92 16.38
N VAL C 93 -5.22 21.79 15.51
CA VAL C 93 -5.43 21.89 14.06
C VAL C 93 -5.50 20.48 13.50
N TYR C 94 -6.50 20.22 12.67
CA TYR C 94 -6.78 18.90 12.13
C TYR C 94 -6.39 18.86 10.66
N TYR C 95 -5.63 17.83 10.29
CA TYR C 95 -5.21 17.58 8.92
C TYR C 95 -5.89 16.32 8.40
N CYS C 96 -6.31 16.37 7.14
CA CYS C 96 -7.04 15.30 6.47
C CYS C 96 -6.10 14.65 5.46
N ALA C 97 -5.35 13.65 5.93
CA ALA C 97 -4.37 12.99 5.08
C ALA C 97 -5.03 11.91 4.23
N SER C 98 -4.34 11.51 3.17
CA SER C 98 -4.93 10.67 2.14
C SER C 98 -4.35 9.27 2.08
N GLY C 99 -3.04 9.11 2.10
CA GLY C 99 -2.47 7.80 1.86
C GLY C 99 -2.61 7.41 0.40
N SER C 100 -1.89 8.10 -0.46
CA SER C 100 -2.07 7.97 -1.91
C SER C 100 -1.36 6.71 -2.41
N ASP C 101 -1.20 6.61 -3.72
CA ASP C 101 -0.63 5.42 -4.33
C ASP C 101 0.74 5.10 -3.72
N TYR C 102 1.18 3.86 -3.94
CA TYR C 102 2.45 3.31 -3.45
C TYR C 102 2.56 3.37 -1.93
N GLY C 103 1.48 3.69 -1.23
CA GLY C 103 1.44 3.52 0.20
C GLY C 103 0.07 3.80 0.78
N ASP C 104 -0.46 2.86 1.55
CA ASP C 104 -1.72 3.07 2.26
C ASP C 104 -1.54 3.12 3.77
N TYR C 105 -0.49 2.49 4.29
CA TYR C 105 -0.18 2.58 5.71
C TYR C 105 0.41 3.93 6.10
N LEU C 106 0.75 4.78 5.14
CA LEU C 106 1.43 6.04 5.39
C LEU C 106 0.59 7.20 4.89
N LEU C 107 0.78 8.35 5.51
CA LEU C 107 0.06 9.58 5.17
C LEU C 107 0.89 10.38 4.18
N VAL C 108 0.25 10.87 3.12
CA VAL C 108 0.98 11.46 2.00
C VAL C 108 0.57 12.91 1.75
N TYR C 109 -0.71 13.13 1.44
CA TYR C 109 -1.10 14.41 0.84
C TYR C 109 -1.23 15.52 1.87
N TRP C 110 -1.85 15.26 3.02
CA TRP C 110 -1.87 16.21 4.13
C TRP C 110 -2.45 17.56 3.69
N GLY C 111 -3.73 17.53 3.36
CA GLY C 111 -4.42 18.76 3.00
C GLY C 111 -4.22 19.85 4.02
N GLN C 112 -4.64 21.07 3.70
CA GLN C 112 -4.26 22.24 4.50
C GLN C 112 -4.65 22.07 5.96
N GLY C 113 -5.81 21.45 6.22
CA GLY C 113 -6.24 21.24 7.58
C GLY C 113 -6.81 22.50 8.23
N THR C 114 -7.82 22.34 9.07
CA THR C 114 -8.49 23.45 9.71
C THR C 114 -8.07 23.55 11.17
N LEU C 115 -8.68 24.49 11.89
CA LEU C 115 -8.39 24.72 13.31
C LEU C 115 -9.67 24.57 14.11
N VAL C 116 -9.56 23.97 15.29
CA VAL C 116 -10.69 23.80 16.21
C VAL C 116 -10.22 24.22 17.59
N THR C 117 -10.95 25.15 18.21
CA THR C 117 -10.63 25.66 19.53
C THR C 117 -11.75 25.28 20.49
N VAL C 118 -11.39 24.73 21.64
CA VAL C 118 -12.35 24.28 22.64
C VAL C 118 -12.06 25.07 23.92
N SER C 119 -12.77 26.18 24.10
CA SER C 119 -12.63 27.01 25.28
C SER C 119 -13.99 27.48 25.73
N SER C 120 -14.16 27.62 27.05
CA SER C 120 -15.43 28.06 27.62
C SER C 120 -15.39 29.58 27.81
N ALA C 121 -15.52 30.28 26.69
CA ALA C 121 -15.50 31.74 26.69
C ALA C 121 -16.12 32.24 25.40
N SER C 122 -16.46 33.52 25.38
CA SER C 122 -17.04 34.15 24.20
C SER C 122 -16.03 35.07 23.53
N THR D 15 11.57 -3.73 -34.38
CA THR D 15 10.20 -3.87 -34.85
C THR D 15 9.21 -3.74 -33.69
N ASN D 16 9.16 -2.54 -33.11
CA ASN D 16 8.27 -2.25 -31.99
C ASN D 16 8.67 -3.02 -30.75
N LEU D 17 8.41 -2.46 -29.58
CA LEU D 17 8.70 -3.10 -28.31
C LEU D 17 7.44 -3.74 -27.76
N CYS D 18 7.58 -4.92 -27.16
CA CYS D 18 6.42 -5.62 -26.65
C CYS D 18 5.74 -4.77 -25.57
N PRO D 19 4.40 -4.75 -25.52
CA PRO D 19 3.73 -3.92 -24.52
C PRO D 19 3.85 -4.48 -23.12
N PHE D 20 5.07 -4.68 -22.65
CA PHE D 20 5.28 -5.16 -21.29
C PHE D 20 4.87 -4.13 -20.25
N GLY D 21 4.82 -2.86 -20.62
CA GLY D 21 4.30 -1.85 -19.71
C GLY D 21 2.84 -2.08 -19.40
N GLU D 22 2.03 -2.32 -20.44
CA GLU D 22 0.60 -2.48 -20.25
C GLU D 22 0.26 -3.63 -19.30
N VAL D 23 1.17 -4.57 -19.12
CA VAL D 23 0.96 -5.70 -18.22
C VAL D 23 1.58 -5.44 -16.85
N PHE D 24 2.87 -5.08 -16.82
CA PHE D 24 3.55 -4.89 -15.54
C PHE D 24 3.17 -3.57 -14.88
N ASN D 25 2.93 -2.52 -15.66
CA ASN D 25 2.52 -1.23 -15.12
C ASN D 25 1.01 -1.10 -14.98
N ALA D 26 0.26 -2.18 -15.21
CA ALA D 26 -1.19 -2.10 -15.20
C ALA D 26 -1.68 -1.57 -13.85
N THR D 27 -2.73 -0.76 -13.90
CA THR D 27 -3.22 -0.12 -12.68
C THR D 27 -3.69 -1.15 -11.66
N ARG D 28 -4.45 -2.15 -12.10
CA ARG D 28 -5.03 -3.14 -11.19
C ARG D 28 -4.93 -4.52 -11.81
N PHE D 29 -4.51 -5.49 -11.01
CA PHE D 29 -4.41 -6.88 -11.45
C PHE D 29 -5.68 -7.63 -11.07
N ALA D 30 -6.10 -8.56 -11.92
CA ALA D 30 -7.29 -9.33 -11.66
C ALA D 30 -7.04 -10.33 -10.52
N SER D 31 -8.13 -10.72 -9.86
CA SER D 31 -8.03 -11.71 -8.80
C SER D 31 -7.57 -13.05 -9.37
N VAL D 32 -6.96 -13.86 -8.51
CA VAL D 32 -6.34 -15.10 -9.00
C VAL D 32 -7.37 -16.01 -9.63
N TYR D 33 -8.59 -16.05 -9.07
CA TYR D 33 -9.63 -16.91 -9.62
C TYR D 33 -10.11 -16.46 -10.99
N ALA D 34 -9.76 -15.25 -11.42
CA ALA D 34 -10.12 -14.71 -12.72
C ALA D 34 -8.91 -14.10 -13.40
N TRP D 35 -7.81 -14.85 -13.41
CA TRP D 35 -6.55 -14.35 -13.96
C TRP D 35 -6.74 -13.89 -15.40
N ASN D 36 -6.12 -12.76 -15.73
CA ASN D 36 -6.20 -12.21 -17.06
C ASN D 36 -5.37 -13.03 -18.03
N ARG D 37 -5.49 -12.70 -19.31
CA ARG D 37 -4.68 -13.35 -20.35
C ARG D 37 -4.57 -12.38 -21.52
N LYS D 38 -3.38 -11.82 -21.70
CA LYS D 38 -3.10 -10.88 -22.78
C LYS D 38 -2.15 -11.52 -23.77
N ARG D 39 -2.52 -11.50 -25.04
CA ARG D 39 -1.67 -12.05 -26.09
C ARG D 39 -0.64 -11.01 -26.51
N ILE D 40 0.61 -11.45 -26.62
CA ILE D 40 1.72 -10.60 -27.06
C ILE D 40 2.33 -11.23 -28.30
N SER D 41 2.45 -10.45 -29.36
CA SER D 41 3.02 -10.94 -30.61
C SER D 41 3.44 -9.75 -31.46
N ASN D 42 4.24 -10.03 -32.49
CA ASN D 42 4.69 -9.02 -33.44
C ASN D 42 5.43 -7.89 -32.72
N CYS D 43 6.37 -8.27 -31.87
CA CYS D 43 7.19 -7.32 -31.13
C CYS D 43 8.53 -7.97 -30.82
N VAL D 44 9.36 -7.27 -30.06
CA VAL D 44 10.65 -7.76 -29.62
C VAL D 44 10.69 -7.73 -28.10
N ALA D 45 11.04 -8.86 -27.49
CA ALA D 45 11.05 -8.98 -26.04
C ALA D 45 12.38 -8.47 -25.53
N ASP D 46 12.38 -7.26 -24.97
CA ASP D 46 13.57 -6.66 -24.36
C ASP D 46 13.42 -6.75 -22.85
N TYR D 47 13.80 -7.90 -22.30
CA TYR D 47 13.68 -8.13 -20.87
C TYR D 47 14.62 -7.24 -20.06
N SER D 48 15.56 -6.56 -20.70
CA SER D 48 16.45 -5.66 -19.97
C SER D 48 15.65 -4.58 -19.25
N VAL D 49 14.68 -3.97 -19.93
CA VAL D 49 13.89 -2.91 -19.34
C VAL D 49 12.95 -3.43 -18.26
N LEU D 50 12.64 -4.73 -18.27
CA LEU D 50 11.71 -5.28 -17.29
C LEU D 50 12.19 -5.03 -15.86
N TYR D 51 13.50 -5.02 -15.64
CA TYR D 51 14.02 -4.82 -14.30
C TYR D 51 13.81 -3.36 -13.87
N ASN D 52 14.30 -3.04 -12.67
CA ASN D 52 14.13 -1.71 -12.10
C ASN D 52 12.66 -1.35 -11.94
N SER D 53 11.81 -2.36 -11.77
CA SER D 53 10.38 -2.19 -11.54
C SER D 53 10.03 -3.01 -10.30
N ALA D 54 10.13 -2.39 -9.13
CA ALA D 54 9.91 -3.07 -7.87
C ALA D 54 10.95 -4.17 -7.65
N SER D 55 11.09 -4.62 -6.41
CA SER D 55 12.06 -5.66 -6.07
C SER D 55 11.44 -7.01 -6.39
N PHE D 56 11.81 -7.56 -7.54
CA PHE D 56 11.26 -8.85 -7.96
C PHE D 56 11.59 -9.92 -6.93
N SER D 57 10.63 -10.81 -6.68
CA SER D 57 10.81 -11.88 -5.72
C SER D 57 11.13 -13.22 -6.36
N THR D 58 10.79 -13.42 -7.63
CA THR D 58 11.06 -14.68 -8.31
C THR D 58 11.07 -14.46 -9.80
N PHE D 59 12.10 -15.01 -10.48
CA PHE D 59 12.14 -15.06 -11.94
C PHE D 59 12.88 -16.36 -12.29
N LYS D 60 12.12 -17.43 -12.48
CA LYS D 60 12.65 -18.75 -12.72
C LYS D 60 11.97 -19.33 -13.96
N CYS D 61 12.76 -19.85 -14.89
CA CYS D 61 12.22 -20.34 -16.15
C CYS D 61 12.51 -21.81 -16.37
N TYR D 62 11.49 -22.52 -16.85
CA TYR D 62 11.56 -23.93 -17.16
C TYR D 62 11.40 -24.13 -18.65
N GLY D 63 12.09 -25.12 -19.20
CA GLY D 63 11.96 -25.47 -20.61
C GLY D 63 12.73 -24.58 -21.55
N VAL D 64 13.44 -23.57 -21.06
CA VAL D 64 14.23 -22.70 -21.90
C VAL D 64 15.30 -22.04 -21.04
N SER D 65 16.54 -22.04 -21.52
CA SER D 65 17.62 -21.42 -20.76
C SER D 65 17.51 -19.91 -20.86
N PRO D 66 17.37 -19.18 -19.75
CA PRO D 66 17.21 -17.73 -19.86
C PRO D 66 18.35 -17.03 -20.57
N THR D 67 19.58 -17.54 -20.43
CA THR D 67 20.73 -16.85 -21.01
C THR D 67 20.58 -16.68 -22.51
N LYS D 68 19.95 -17.63 -23.18
CA LYS D 68 19.76 -17.58 -24.63
C LYS D 68 18.38 -17.08 -25.01
N LEU D 69 17.62 -16.50 -24.08
CA LEU D 69 16.26 -16.08 -24.37
C LEU D 69 16.20 -15.09 -25.52
N ASN D 70 17.27 -14.34 -25.76
CA ASN D 70 17.28 -13.34 -26.81
C ASN D 70 17.62 -13.91 -28.19
N ASP D 71 17.93 -15.20 -28.27
CA ASP D 71 18.34 -15.82 -29.53
C ASP D 71 17.29 -16.80 -30.05
N LEU D 72 16.04 -16.66 -29.63
CA LEU D 72 14.98 -17.57 -30.04
C LEU D 72 13.64 -16.92 -29.77
N CYS D 73 12.67 -17.18 -30.65
CA CYS D 73 11.29 -16.74 -30.45
C CYS D 73 10.32 -17.73 -31.05
N PHE D 74 9.04 -17.47 -30.80
CA PHE D 74 8.00 -18.48 -30.83
C PHE D 74 6.83 -17.98 -31.66
N THR D 75 5.84 -18.85 -31.84
CA THR D 75 4.63 -18.46 -32.53
C THR D 75 3.91 -17.34 -31.78
N ASN D 76 3.88 -17.41 -30.47
CA ASN D 76 3.25 -16.36 -29.67
C ASN D 76 3.59 -16.60 -28.19
N VAL D 77 3.15 -15.66 -27.36
CA VAL D 77 3.31 -15.77 -25.91
C VAL D 77 2.06 -15.22 -25.25
N TYR D 78 1.61 -15.90 -24.20
CA TYR D 78 0.46 -15.47 -23.41
C TYR D 78 0.92 -14.98 -22.06
N ALA D 79 0.50 -13.77 -21.69
CA ALA D 79 0.85 -13.17 -20.41
C ALA D 79 -0.37 -13.20 -19.49
N ASP D 80 -0.33 -14.06 -18.47
CA ASP D 80 -1.41 -14.17 -17.50
C ASP D 80 -0.98 -13.49 -16.21
N SER D 81 -1.76 -12.53 -15.75
CA SER D 81 -1.42 -11.73 -14.57
C SER D 81 -2.44 -11.97 -13.47
N PHE D 82 -1.96 -11.99 -12.23
CA PHE D 82 -2.85 -12.11 -11.07
C PHE D 82 -2.06 -11.74 -9.82
N VAL D 83 -2.67 -11.95 -8.65
CA VAL D 83 -2.07 -11.60 -7.38
C VAL D 83 -2.27 -12.76 -6.41
N ILE D 84 -1.25 -13.04 -5.60
CA ILE D 84 -1.31 -14.12 -4.61
C ILE D 84 -0.37 -13.79 -3.46
N ARG D 85 -0.60 -14.42 -2.32
CA ARG D 85 0.27 -14.16 -1.18
C ARG D 85 1.59 -14.91 -1.32
N GLY D 86 2.62 -14.38 -0.66
CA GLY D 86 3.96 -14.88 -0.88
C GLY D 86 4.11 -16.37 -0.61
N ASP D 87 3.56 -16.83 0.52
CA ASP D 87 3.69 -18.24 0.90
C ASP D 87 2.97 -19.11 -0.13
N GLU D 88 2.20 -18.48 -1.02
CA GLU D 88 1.47 -19.18 -2.05
C GLU D 88 2.16 -19.15 -3.40
N VAL D 89 3.11 -18.23 -3.61
CA VAL D 89 3.72 -18.07 -4.93
C VAL D 89 4.48 -19.32 -5.33
N ARG D 90 4.99 -20.08 -4.36
CA ARG D 90 5.72 -21.30 -4.70
C ARG D 90 4.83 -22.32 -5.38
N GLN D 91 3.51 -22.17 -5.30
CA GLN D 91 2.59 -23.10 -5.95
C GLN D 91 2.43 -22.83 -7.43
N ILE D 92 2.98 -21.74 -7.95
CA ILE D 92 2.89 -21.43 -9.38
C ILE D 92 4.10 -22.07 -10.04
N ALA D 93 3.97 -23.36 -10.35
CA ALA D 93 5.04 -24.10 -11.00
C ALA D 93 4.51 -25.47 -11.43
N PRO D 94 5.07 -26.05 -12.49
CA PRO D 94 4.56 -27.35 -12.95
C PRO D 94 4.72 -28.42 -11.87
N GLY D 95 3.71 -29.28 -11.77
CA GLY D 95 3.76 -30.40 -10.84
C GLY D 95 3.55 -30.03 -9.39
N GLN D 96 3.20 -28.78 -9.09
CA GLN D 96 2.99 -28.36 -7.71
C GLN D 96 1.56 -28.68 -7.28
N THR D 97 1.36 -28.66 -5.95
CA THR D 97 0.07 -28.94 -5.36
C THR D 97 -0.24 -27.89 -4.31
N GLY D 98 -1.53 -27.60 -4.16
CA GLY D 98 -1.98 -26.59 -3.22
C GLY D 98 -3.27 -25.95 -3.71
N LYS D 99 -3.85 -25.13 -2.84
CA LYS D 99 -5.15 -24.53 -3.16
C LYS D 99 -5.11 -23.84 -4.52
N ILE D 100 -4.10 -23.02 -4.76
CA ILE D 100 -3.98 -22.35 -6.06
C ILE D 100 -3.74 -23.38 -7.16
N ALA D 101 -2.86 -24.34 -6.90
CA ALA D 101 -2.48 -25.30 -7.93
C ALA D 101 -3.65 -26.17 -8.38
N ASP D 102 -4.64 -26.41 -7.51
CA ASP D 102 -5.73 -27.30 -7.84
C ASP D 102 -7.06 -26.60 -8.09
N TYR D 103 -7.22 -25.35 -7.66
CA TYR D 103 -8.52 -24.69 -7.73
C TYR D 103 -8.52 -23.42 -8.55
N ASN D 104 -7.42 -22.66 -8.59
CA ASN D 104 -7.42 -21.35 -9.24
C ASN D 104 -6.57 -21.32 -10.50
N TYR D 105 -5.28 -21.67 -10.41
CA TYR D 105 -4.37 -21.58 -11.55
C TYR D 105 -3.51 -22.84 -11.57
N LYS D 106 -3.66 -23.63 -12.64
CA LYS D 106 -2.92 -24.88 -12.79
C LYS D 106 -2.07 -24.79 -14.05
N LEU D 107 -0.79 -25.14 -13.93
CA LEU D 107 0.16 -25.10 -15.03
C LEU D 107 0.53 -26.51 -15.47
N PRO D 108 0.61 -26.77 -16.78
CA PRO D 108 0.91 -28.13 -17.23
C PRO D 108 2.33 -28.54 -16.87
N ASP D 109 2.52 -29.86 -16.75
CA ASP D 109 3.83 -30.39 -16.39
C ASP D 109 4.88 -30.07 -17.46
N ASP D 110 4.46 -29.90 -18.70
CA ASP D 110 5.36 -29.58 -19.81
C ASP D 110 5.36 -28.10 -20.12
N PHE D 111 5.27 -27.27 -19.08
CA PHE D 111 5.22 -25.82 -19.27
C PHE D 111 6.40 -25.33 -20.08
N THR D 112 6.12 -24.53 -21.10
CA THR D 112 7.14 -23.93 -21.97
C THR D 112 6.98 -22.42 -21.85
N GLY D 113 7.67 -21.85 -20.85
CA GLY D 113 7.51 -20.46 -20.50
C GLY D 113 8.10 -20.25 -19.13
N CYS D 114 7.73 -19.13 -18.49
CA CYS D 114 8.16 -18.95 -17.12
C CYS D 114 7.45 -17.77 -16.47
N VAL D 115 7.64 -17.67 -15.15
CA VAL D 115 6.84 -16.81 -14.30
C VAL D 115 7.72 -15.71 -13.75
N ILE D 116 7.09 -14.61 -13.35
CA ILE D 116 7.74 -13.49 -12.72
C ILE D 116 6.85 -13.04 -11.56
N ALA D 117 7.46 -12.78 -10.41
CA ALA D 117 6.70 -12.38 -9.24
C ALA D 117 7.42 -11.22 -8.56
N TRP D 118 6.64 -10.23 -8.11
CA TRP D 118 7.24 -9.11 -7.39
C TRP D 118 6.27 -8.62 -6.33
N ASN D 119 6.85 -8.19 -5.20
CA ASN D 119 6.05 -7.71 -4.09
C ASN D 119 5.27 -6.46 -4.49
N SER D 120 4.03 -6.37 -4.02
CA SER D 120 3.17 -5.21 -4.25
C SER D 120 2.50 -4.78 -2.96
N ASN D 121 3.17 -4.98 -1.82
CA ASN D 121 2.58 -4.61 -0.55
C ASN D 121 2.30 -3.11 -0.48
N ASN D 122 3.27 -2.31 -0.92
CA ASN D 122 3.13 -0.86 -0.82
C ASN D 122 2.01 -0.34 -1.70
N LEU D 123 1.62 -1.08 -2.72
CA LEU D 123 0.65 -0.61 -3.71
C LEU D 123 -0.67 -1.37 -3.71
N ASP D 124 -0.73 -2.55 -3.07
CA ASP D 124 -1.90 -3.40 -3.22
C ASP D 124 -2.33 -4.03 -1.90
N SER D 125 -2.16 -3.30 -0.78
CA SER D 125 -2.57 -3.79 0.54
C SER D 125 -3.23 -2.63 1.27
N LYS D 126 -4.55 -2.52 1.15
CA LYS D 126 -5.29 -1.46 1.79
C LYS D 126 -5.36 -1.67 3.30
N VAL D 127 -5.56 -0.57 4.02
CA VAL D 127 -5.70 -0.65 5.47
C VAL D 127 -7.06 -1.26 5.81
N GLY D 128 -7.05 -2.23 6.71
CA GLY D 128 -8.27 -2.89 7.13
C GLY D 128 -8.71 -4.04 6.26
N GLY D 129 -7.98 -4.34 5.18
CA GLY D 129 -8.32 -5.47 4.33
C GLY D 129 -8.73 -5.07 2.93
N ASN D 130 -8.03 -5.59 1.94
CA ASN D 130 -8.35 -5.34 0.54
C ASN D 130 -9.26 -6.47 0.05
N TYR D 131 -10.54 -6.17 -0.08
CA TYR D 131 -11.53 -7.16 -0.49
C TYR D 131 -11.68 -7.25 -2.00
N ASN D 132 -10.90 -6.47 -2.76
CA ASN D 132 -11.01 -6.50 -4.22
C ASN D 132 -10.48 -7.80 -4.82
N TYR D 133 -9.73 -8.60 -4.06
CA TYR D 133 -9.11 -9.81 -4.56
C TYR D 133 -9.71 -11.02 -3.86
N LEU D 134 -10.15 -11.99 -4.65
CA LEU D 134 -10.75 -13.22 -4.14
C LEU D 134 -10.04 -14.42 -4.75
N TYR D 135 -9.98 -15.49 -3.97
CA TYR D 135 -9.46 -16.76 -4.45
C TYR D 135 -10.47 -17.86 -4.15
N ARG D 136 -10.56 -18.84 -5.03
CA ARG D 136 -11.52 -19.93 -4.86
C ARG D 136 -10.95 -20.92 -3.85
N LEU D 137 -11.63 -21.03 -2.70
CA LEU D 137 -11.17 -21.89 -1.62
C LEU D 137 -11.79 -23.27 -1.65
N PHE D 138 -12.90 -23.45 -2.39
CA PHE D 138 -13.58 -24.74 -2.46
C PHE D 138 -13.90 -25.06 -3.92
N ARG D 139 -13.76 -26.34 -4.27
CA ARG D 139 -14.09 -26.79 -5.60
C ARG D 139 -14.32 -28.29 -5.57
N LYS D 140 -15.26 -28.74 -6.40
CA LYS D 140 -15.61 -30.16 -6.42
C LYS D 140 -14.44 -31.02 -6.88
N SER D 141 -13.71 -30.56 -7.91
CA SER D 141 -12.62 -31.32 -8.48
C SER D 141 -11.48 -30.38 -8.84
N ASN D 142 -10.30 -30.96 -9.04
CA ASN D 142 -9.13 -30.18 -9.37
C ASN D 142 -9.32 -29.45 -10.70
N LEU D 143 -8.37 -28.59 -11.03
CA LEU D 143 -8.43 -27.77 -12.23
C LEU D 143 -7.51 -28.33 -13.30
N LYS D 144 -8.03 -28.46 -14.52
CA LYS D 144 -7.21 -28.89 -15.64
C LYS D 144 -6.24 -27.78 -16.01
N PRO D 145 -5.14 -28.11 -16.70
CA PRO D 145 -4.15 -27.09 -17.03
C PRO D 145 -4.77 -25.94 -17.81
N PHE D 146 -4.40 -24.72 -17.44
CA PHE D 146 -4.86 -23.50 -18.09
C PHE D 146 -6.38 -23.52 -18.27
N GLU D 147 -7.07 -23.55 -17.14
CA GLU D 147 -8.53 -23.50 -17.11
C GLU D 147 -8.97 -22.38 -16.18
N ARG D 148 -10.10 -21.77 -16.52
CA ARG D 148 -10.64 -20.64 -15.78
C ARG D 148 -12.01 -21.02 -15.25
N ASP D 149 -12.24 -20.75 -13.96
CA ASP D 149 -13.52 -20.97 -13.33
C ASP D 149 -13.95 -19.69 -12.61
N ILE D 150 -15.18 -19.24 -12.89
CA ILE D 150 -15.70 -18.02 -12.28
C ILE D 150 -17.09 -18.22 -11.69
N SER D 151 -17.69 -19.40 -11.83
CA SER D 151 -19.00 -19.64 -11.25
C SER D 151 -18.93 -19.52 -9.73
N THR D 152 -19.97 -18.91 -9.15
CA THR D 152 -20.05 -18.69 -7.71
C THR D 152 -21.17 -19.51 -7.08
N GLU D 153 -21.46 -20.68 -7.62
CA GLU D 153 -22.48 -21.54 -7.05
C GLU D 153 -22.07 -22.01 -5.66
N ILE D 154 -23.05 -22.14 -4.78
CA ILE D 154 -22.78 -22.57 -3.40
C ILE D 154 -22.27 -24.00 -3.42
N TYR D 155 -21.12 -24.22 -2.80
CA TYR D 155 -20.46 -25.53 -2.81
C TYR D 155 -20.88 -26.30 -1.56
N GLN D 156 -21.68 -27.34 -1.75
CA GLN D 156 -22.07 -28.18 -0.62
C GLN D 156 -20.90 -29.10 -0.23
N ALA D 157 -20.72 -29.25 1.08
CA ALA D 157 -19.67 -30.11 1.63
C ALA D 157 -20.19 -31.43 2.16
N GLY D 158 -21.29 -31.41 2.90
CA GLY D 158 -21.88 -32.61 3.42
C GLY D 158 -22.89 -33.23 2.46
N SER D 159 -23.65 -34.18 2.98
CA SER D 159 -24.67 -34.89 2.21
C SER D 159 -26.04 -34.25 2.34
N THR D 160 -26.11 -32.95 2.61
CA THR D 160 -27.37 -32.23 2.79
C THR D 160 -27.47 -31.13 1.75
N PRO D 161 -28.16 -31.35 0.63
CA PRO D 161 -28.28 -30.28 -0.37
C PRO D 161 -28.89 -29.02 0.23
N CYS D 162 -28.36 -27.87 -0.18
CA CYS D 162 -28.78 -26.59 0.35
C CYS D 162 -29.50 -25.71 -0.68
N ASN D 163 -29.83 -26.27 -1.85
CA ASN D 163 -30.53 -25.54 -2.90
C ASN D 163 -30.00 -24.13 -3.06
N GLY D 164 -28.68 -23.99 -3.05
CA GLY D 164 -28.05 -22.70 -3.29
C GLY D 164 -28.34 -21.64 -2.25
N VAL D 165 -28.24 -21.99 -0.98
CA VAL D 165 -28.38 -21.03 0.11
C VAL D 165 -27.18 -21.18 1.04
N GLU D 166 -26.50 -20.08 1.33
CA GLU D 166 -25.37 -20.10 2.23
C GLU D 166 -25.86 -20.35 3.66
N GLY D 167 -25.01 -21.00 4.45
CA GLY D 167 -25.38 -21.33 5.81
C GLY D 167 -24.54 -22.44 6.42
N PHE D 168 -25.18 -23.45 6.98
CA PHE D 168 -24.48 -24.54 7.63
C PHE D 168 -24.07 -25.59 6.60
N ASN D 169 -22.78 -25.92 6.57
CA ASN D 169 -22.24 -26.95 5.70
C ASN D 169 -22.43 -26.62 4.22
N CYS D 170 -22.60 -25.34 3.88
CA CYS D 170 -22.74 -24.93 2.49
C CYS D 170 -22.17 -23.52 2.38
N TYR D 171 -20.93 -23.43 1.91
CA TYR D 171 -20.17 -22.19 1.98
C TYR D 171 -20.06 -21.53 0.61
N PHE D 172 -19.79 -20.24 0.61
CA PHE D 172 -19.54 -19.51 -0.62
C PHE D 172 -18.16 -19.88 -1.16
N PRO D 173 -18.06 -20.34 -2.40
CA PRO D 173 -16.76 -20.89 -2.85
C PRO D 173 -15.60 -19.90 -2.75
N LEU D 174 -15.83 -18.63 -3.04
CA LEU D 174 -14.77 -17.65 -3.07
C LEU D 174 -14.53 -17.05 -1.68
N GLN D 175 -13.27 -16.74 -1.40
CA GLN D 175 -12.87 -16.07 -0.16
C GLN D 175 -11.97 -14.90 -0.51
N SER D 176 -12.23 -13.75 0.08
CA SER D 176 -11.46 -12.55 -0.20
C SER D 176 -10.14 -12.56 0.56
N TYR D 177 -9.08 -12.15 -0.12
CA TYR D 177 -7.79 -12.01 0.54
C TYR D 177 -7.82 -10.82 1.49
N GLY D 178 -7.40 -11.04 2.73
CA GLY D 178 -7.39 -9.98 3.71
C GLY D 178 -6.06 -9.27 3.80
N PHE D 179 -5.58 -8.74 2.68
CA PHE D 179 -4.29 -8.05 2.67
C PHE D 179 -4.33 -6.85 3.61
N GLN D 180 -3.31 -6.75 4.46
CA GLN D 180 -3.16 -5.62 5.36
C GLN D 180 -1.69 -5.23 5.43
N PRO D 181 -1.39 -3.97 5.71
CA PRO D 181 0.02 -3.57 5.83
C PRO D 181 0.77 -4.33 6.91
N THR D 182 0.11 -4.69 8.01
CA THR D 182 0.76 -5.35 9.12
C THR D 182 0.78 -6.87 8.97
N ASN D 183 0.59 -7.38 7.76
CA ASN D 183 0.63 -8.82 7.53
C ASN D 183 2.07 -9.32 7.64
N GLY D 184 2.23 -10.63 7.57
CA GLY D 184 3.54 -11.23 7.66
C GLY D 184 4.42 -10.87 6.46
N VAL D 185 5.70 -11.20 6.60
CA VAL D 185 6.65 -10.86 5.54
C VAL D 185 6.27 -11.56 4.24
N GLY D 186 5.79 -12.79 4.33
CA GLY D 186 5.36 -13.53 3.17
C GLY D 186 3.87 -13.48 2.91
N TYR D 187 3.08 -12.92 3.83
CA TYR D 187 1.63 -12.83 3.65
C TYR D 187 1.23 -11.66 2.78
N GLN D 188 2.13 -10.71 2.52
CA GLN D 188 1.79 -9.55 1.72
C GLN D 188 1.53 -9.95 0.28
N PRO D 189 0.75 -9.15 -0.46
CA PRO D 189 0.43 -9.52 -1.84
C PRO D 189 1.67 -9.53 -2.73
N TYR D 190 1.60 -10.36 -3.77
CA TYR D 190 2.67 -10.53 -4.74
C TYR D 190 2.01 -10.58 -6.10
N ARG D 191 2.38 -9.66 -6.99
CA ARG D 191 1.86 -9.67 -8.35
C ARG D 191 2.66 -10.65 -9.18
N VAL D 192 1.97 -11.52 -9.90
CA VAL D 192 2.58 -12.60 -10.66
C VAL D 192 2.15 -12.47 -12.11
N VAL D 193 3.12 -12.53 -13.02
CA VAL D 193 2.89 -12.50 -14.45
C VAL D 193 3.58 -13.72 -15.05
N VAL D 194 2.81 -14.59 -15.68
CA VAL D 194 3.32 -15.83 -16.25
C VAL D 194 3.29 -15.69 -17.76
N LEU D 195 4.44 -15.84 -18.40
CA LEU D 195 4.56 -15.80 -19.84
C LEU D 195 4.68 -17.22 -20.36
N SER D 196 3.70 -17.67 -21.11
CA SER D 196 3.68 -18.99 -21.71
C SER D 196 4.12 -18.83 -23.17
N PHE D 197 5.33 -19.28 -23.47
CA PHE D 197 5.83 -19.27 -24.83
C PHE D 197 5.26 -20.46 -25.59
N GLU D 198 4.42 -20.20 -26.59
CA GLU D 198 3.80 -21.25 -27.38
C GLU D 198 4.37 -21.18 -28.79
N LEU D 199 4.96 -22.29 -29.25
CA LEU D 199 5.59 -22.35 -30.56
C LEU D 199 5.04 -23.54 -31.34
N LEU D 200 4.73 -23.31 -32.61
CA LEU D 200 4.29 -24.36 -33.52
C LEU D 200 4.96 -24.13 -34.87
N HIS D 201 4.51 -24.85 -35.90
CA HIS D 201 5.05 -24.67 -37.25
C HIS D 201 4.46 -23.42 -37.90
N ALA D 202 4.72 -22.28 -37.27
CA ALA D 202 4.21 -20.99 -37.68
C ALA D 202 5.30 -19.95 -37.52
N PRO D 203 5.19 -18.81 -38.20
CA PRO D 203 6.25 -17.79 -38.12
C PRO D 203 6.46 -17.31 -36.68
N ALA D 204 7.72 -17.08 -36.33
CA ALA D 204 8.07 -16.59 -35.01
C ALA D 204 7.65 -15.14 -34.86
N THR D 205 7.43 -14.71 -33.61
CA THR D 205 6.83 -13.41 -33.38
C THR D 205 7.60 -12.51 -32.41
N VAL D 206 8.18 -13.05 -31.34
CA VAL D 206 8.65 -12.24 -30.21
C VAL D 206 10.04 -12.72 -29.80
N CYS D 207 11.07 -12.14 -30.42
CA CYS D 207 12.46 -12.26 -29.98
C CYS D 207 13.14 -10.91 -29.95
N GLY D 208 14.02 -10.73 -28.97
CA GLY D 208 14.72 -9.47 -28.78
C GLY D 208 15.97 -9.39 -29.62
N PRO D 209 16.84 -8.44 -29.29
CA PRO D 209 18.05 -8.24 -30.11
C PRO D 209 18.90 -9.50 -30.16
N LYS D 210 19.45 -9.78 -31.34
CA LYS D 210 20.28 -10.95 -31.53
C LYS D 210 21.63 -10.79 -30.84
#